data_5FU4
#
_entry.id   5FU4
#
_cell.length_a   40.430
_cell.length_b   55.190
_cell.length_c   44.390
_cell.angle_alpha   90.00
_cell.angle_beta   94.27
_cell.angle_gamma   90.00
#
_symmetry.space_group_name_H-M   'P 1 21 1'
#
loop_
_entity.id
_entity.type
_entity.pdbx_description
1 polymer CBM74-RFGH5
2 branched beta-D-mannopyranose-(1-4)-beta-D-mannopyranose-(1-4)-beta-D-mannopyranose
3 branched beta-D-mannopyranose-(1-4)-beta-D-mannopyranose-(1-4)-beta-D-mannopyranose-(1-4)-beta-D-mannopyranose-(1-4)-beta-D-mannopyranose
4 water water
#
_entity_poly.entity_id   1
_entity_poly.type   'polypeptide(L)'
_entity_poly.pdbx_seq_one_letter_code
;MGAEEEDTAILYPFTISGNDRNGNFTINFKGTPNSTNNGCIGYSYNGDWEKIEWEGSCDGNGNLVVEVPMSKIPAGVTSG
EIQIWAHSGDLKMTDYKALEHHHHHH
;
_entity_poly.pdbx_strand_id   A,B
#
loop_
_chem_comp.id
_chem_comp.type
_chem_comp.name
_chem_comp.formula
BMA D-saccharide, beta linking beta-D-mannopyranose 'C6 H12 O6'
#
# COMPACT_ATOMS: atom_id res chain seq x y z
N THR A 8 5.47 -3.84 7.89
CA THR A 8 5.54 -2.86 6.76
C THR A 8 4.20 -2.13 6.59
N ALA A 9 4.25 -0.82 6.35
CA ALA A 9 3.03 -0.01 6.15
C ALA A 9 2.35 -0.42 4.85
N ILE A 10 1.04 -0.23 4.76
CA ILE A 10 0.26 -0.49 3.54
C ILE A 10 -0.49 0.80 3.16
N LEU A 11 -0.31 1.24 1.92
CA LEU A 11 -0.72 2.59 1.50
C LEU A 11 -1.68 2.44 0.33
N TYR A 12 -2.82 3.11 0.41
CA TYR A 12 -3.81 3.13 -0.65
C TYR A 12 -4.06 4.58 -0.98
N PRO A 13 -3.79 4.98 -2.26
CA PRO A 13 -4.08 6.37 -2.64
C PRO A 13 -5.57 6.55 -2.71
N PHE A 14 -6.00 7.75 -2.39
CA PHE A 14 -7.40 8.09 -2.55
C PHE A 14 -7.48 9.37 -3.33
N THR A 15 -8.62 9.60 -3.96
CA THR A 15 -8.86 10.85 -4.65
C THR A 15 -10.27 11.30 -4.28
N ILE A 16 -10.43 12.62 -4.10
CA ILE A 16 -11.70 13.24 -3.72
C ILE A 16 -11.89 14.51 -4.49
N SER A 17 -13.14 14.96 -4.51
CA SER A 17 -13.47 16.34 -4.89
C SER A 17 -12.70 17.30 -4.01
N GLY A 18 -12.15 18.34 -4.62
CA GLY A 18 -11.52 19.43 -3.88
C GLY A 18 -12.45 20.30 -3.08
N ASN A 19 -13.71 20.35 -3.47
CA ASN A 19 -14.67 21.29 -2.90
C ASN A 19 -15.74 20.69 -2.01
N ASP A 20 -16.27 19.54 -2.40
CA ASP A 20 -17.40 18.96 -1.67
C ASP A 20 -16.83 18.36 -0.35
N ARG A 21 -17.35 18.87 0.78
CA ARG A 21 -16.99 18.39 2.11
C ARG A 21 -18.21 17.93 2.91
N ASN A 22 -19.22 17.41 2.23
CA ASN A 22 -20.40 16.85 2.91
C ASN A 22 -20.03 15.47 3.53
N GLY A 23 -20.59 15.17 4.70
CA GLY A 23 -20.61 13.78 5.25
C GLY A 23 -19.29 13.24 5.78
N ASN A 24 -19.06 11.93 5.63
CA ASN A 24 -17.89 11.28 6.21
C ASN A 24 -17.03 10.58 5.15
N PHE A 25 -15.72 10.76 5.22
CA PHE A 25 -14.76 9.86 4.59
C PHE A 25 -14.84 8.49 5.24
N THR A 26 -15.43 7.53 4.54
CA THR A 26 -15.80 6.21 5.11
C THR A 26 -14.96 5.15 4.45
N ILE A 27 -14.13 4.45 5.22
CA ILE A 27 -13.28 3.38 4.71
C ILE A 27 -13.77 2.02 5.27
N ASN A 28 -13.98 1.07 4.37
CA ASN A 28 -14.29 -0.30 4.75
C ASN A 28 -13.01 -1.13 4.70
N PHE A 29 -12.64 -1.73 5.82
CA PHE A 29 -11.55 -2.69 5.89
C PHE A 29 -12.10 -4.07 6.13
N LYS A 30 -11.33 -5.08 5.71
CA LYS A 30 -11.71 -6.47 5.89
C LYS A 30 -10.47 -7.21 6.40
N GLY A 31 -10.66 -8.02 7.44
CA GLY A 31 -9.57 -8.80 7.97
C GLY A 31 -10.00 -9.77 9.06
N THR A 32 -9.03 -10.11 9.90
CA THR A 32 -9.16 -11.17 10.90
C THR A 32 -10.12 -10.73 11.97
N PRO A 33 -11.18 -11.53 12.20
CA PRO A 33 -12.09 -11.25 13.29
C PRO A 33 -11.38 -10.88 14.60
N ASN A 34 -11.87 -9.83 15.23
CA ASN A 34 -11.32 -9.33 16.50
C ASN A 34 -9.87 -8.82 16.47
N SER A 35 -9.31 -8.54 15.29
CA SER A 35 -7.94 -8.03 15.22
C SER A 35 -7.87 -6.59 15.73
N THR A 36 -6.71 -6.17 16.26
CA THR A 36 -6.40 -4.76 16.57
C THR A 36 -5.62 -4.17 15.39
N ASN A 37 -5.93 -2.90 15.11
CA ASN A 37 -5.45 -2.19 13.91
C ASN A 37 -5.36 -0.68 14.15
N ASN A 38 -4.40 -0.04 13.49
CA ASN A 38 -4.34 1.42 13.47
C ASN A 38 -3.59 1.94 12.24
N GLY A 39 -3.84 3.21 11.94
CA GLY A 39 -3.20 3.90 10.85
C GLY A 39 -3.55 5.37 10.79
N CYS A 40 -3.58 5.89 9.57
CA CYS A 40 -4.05 7.22 9.35
C CYS A 40 -4.68 7.38 7.98
N ILE A 41 -5.27 8.56 7.79
CA ILE A 41 -5.53 9.15 6.49
C ILE A 41 -4.54 10.30 6.44
N GLY A 42 -3.84 10.44 5.32
CA GLY A 42 -2.88 11.52 5.18
C GLY A 42 -2.92 12.22 3.85
N TYR A 43 -2.48 13.49 3.83
CA TYR A 43 -2.58 14.31 2.61
C TYR A 43 -1.61 15.51 2.71
N SER A 44 -1.22 16.04 1.56
CA SER A 44 -0.43 17.28 1.52
C SER A 44 -1.33 18.49 1.67
N TYR A 45 -0.98 19.43 2.55
CA TYR A 45 -1.66 20.70 2.65
C TYR A 45 -0.67 21.79 2.99
N ASN A 46 -0.75 22.92 2.30
CA ASN A 46 0.23 24.01 2.44
C ASN A 46 1.69 23.54 2.40
N GLY A 47 1.98 22.59 1.53
CA GLY A 47 3.33 22.08 1.35
C GLY A 47 3.69 20.90 2.23
N ASP A 48 2.94 20.67 3.31
CA ASP A 48 3.32 19.69 4.32
C ASP A 48 2.33 18.53 4.38
N TRP A 49 2.85 17.37 4.75
CA TRP A 49 2.05 16.16 4.93
C TRP A 49 1.38 16.17 6.32
N GLU A 50 0.07 16.06 6.38
CA GLU A 50 -0.68 15.97 7.64
C GLU A 50 -1.46 14.66 7.69
N LYS A 51 -1.77 14.23 8.92
CA LYS A 51 -2.24 12.90 9.21
C LYS A 51 -3.43 12.98 10.16
N ILE A 52 -4.50 12.27 9.86
CA ILE A 52 -5.59 12.04 10.80
C ILE A 52 -5.59 10.56 11.15
N GLU A 53 -5.34 10.27 12.44
CA GLU A 53 -5.17 8.90 12.91
C GLU A 53 -6.51 8.17 13.08
N TRP A 54 -6.50 6.88 12.85
CA TRP A 54 -7.63 6.04 13.19
C TRP A 54 -7.06 4.82 13.89
N GLU A 55 -7.89 4.17 14.69
CA GLU A 55 -7.58 2.86 15.27
C GLU A 55 -8.90 2.10 15.36
N GLY A 56 -8.82 0.77 15.36
CA GLY A 56 -10.05 -0.02 15.43
C GLY A 56 -9.85 -1.51 15.34
N SER A 57 -10.81 -2.25 15.90
CA SER A 57 -10.82 -3.67 15.87
C SER A 57 -11.82 -4.15 14.83
N CYS A 58 -11.47 -5.19 14.09
CA CYS A 58 -12.42 -5.84 13.21
C CYS A 58 -13.47 -6.50 14.15
N ASP A 59 -14.72 -6.51 13.71
CA ASP A 59 -15.76 -7.16 14.50
C ASP A 59 -15.71 -8.71 14.30
N GLY A 60 -16.66 -9.45 14.90
CA GLY A 60 -16.74 -10.89 14.67
C GLY A 60 -16.84 -11.32 13.21
N ASN A 61 -17.45 -10.50 12.35
CA ASN A 61 -17.52 -10.77 10.89
C ASN A 61 -16.26 -10.40 10.10
N GLY A 62 -15.21 -9.95 10.79
CA GLY A 62 -14.02 -9.48 10.13
C GLY A 62 -14.13 -8.06 9.57
N ASN A 63 -15.19 -7.31 9.90
CA ASN A 63 -15.37 -5.94 9.36
C ASN A 63 -14.93 -4.79 10.29
N LEU A 64 -14.28 -3.78 9.73
CA LEU A 64 -13.97 -2.53 10.41
C LEU A 64 -14.32 -1.35 9.47
N VAL A 65 -15.16 -0.44 9.96
CA VAL A 65 -15.56 0.74 9.24
C VAL A 65 -14.91 1.91 9.98
N VAL A 66 -14.05 2.67 9.30
CA VAL A 66 -13.50 3.92 9.88
C VAL A 66 -14.28 5.07 9.21
N GLU A 67 -14.71 6.04 10.01
CA GLU A 67 -15.41 7.23 9.54
C GLU A 67 -14.67 8.43 10.09
N VAL A 68 -14.18 9.26 9.18
CA VAL A 68 -13.61 10.55 9.49
C VAL A 68 -14.49 11.63 8.85
N PRO A 69 -14.92 12.64 9.63
CA PRO A 69 -15.68 13.72 9.00
C PRO A 69 -14.92 14.36 7.83
N MET A 70 -15.58 14.51 6.69
CA MET A 70 -14.95 15.24 5.57
C MET A 70 -14.45 16.63 5.96
N SER A 71 -15.09 17.30 6.90
CA SER A 71 -14.60 18.62 7.35
C SER A 71 -13.20 18.64 8.02
N LYS A 72 -12.65 17.47 8.42
CA LYS A 72 -11.26 17.38 8.91
C LYS A 72 -10.23 17.62 7.80
N ILE A 73 -10.62 17.36 6.54
CA ILE A 73 -9.76 17.48 5.39
C ILE A 73 -10.02 18.90 4.83
N PRO A 74 -9.00 19.79 4.79
CA PRO A 74 -9.29 21.14 4.30
C PRO A 74 -9.65 21.10 2.81
N ALA A 75 -10.39 22.09 2.33
CA ALA A 75 -10.75 22.21 0.92
C ALA A 75 -9.53 22.47 0.09
N GLY A 76 -9.61 22.21 -1.20
CA GLY A 76 -8.49 22.31 -2.08
C GLY A 76 -7.73 20.99 -2.12
N VAL A 77 -7.84 20.13 -1.09
CA VAL A 77 -7.18 18.79 -1.12
C VAL A 77 -7.95 17.84 -2.06
N THR A 78 -7.27 17.30 -3.06
CA THR A 78 -7.92 16.34 -3.99
C THR A 78 -7.47 14.89 -3.86
N SER A 79 -6.41 14.65 -3.11
CA SER A 79 -5.82 13.32 -3.04
C SER A 79 -5.00 13.16 -1.77
N GLY A 80 -4.67 11.92 -1.43
CA GLY A 80 -3.78 11.60 -0.31
C GLY A 80 -3.70 10.08 -0.20
N GLU A 81 -3.46 9.54 0.99
CA GLU A 81 -3.27 8.07 1.18
C GLU A 81 -3.97 7.53 2.41
N ILE A 82 -4.63 6.38 2.28
CA ILE A 82 -5.08 5.64 3.44
C ILE A 82 -3.93 4.71 3.79
N GLN A 83 -3.45 4.77 5.03
CA GLN A 83 -2.30 4.02 5.48
C GLN A 83 -2.70 3.11 6.64
N ILE A 84 -2.20 1.87 6.59
CA ILE A 84 -2.32 0.90 7.66
C ILE A 84 -0.93 0.81 8.27
N TRP A 85 -0.83 1.17 9.56
CA TRP A 85 0.44 1.21 10.27
C TRP A 85 0.72 -0.10 11.02
N ALA A 86 -0.29 -0.67 11.67
CA ALA A 86 -0.15 -1.99 12.30
C ALA A 86 -1.49 -2.74 12.30
N HIS A 87 -1.36 -4.06 12.31
CA HIS A 87 -2.48 -4.98 12.18
C HIS A 87 -2.11 -6.31 12.82
N SER A 88 -2.87 -6.72 13.85
CA SER A 88 -2.58 -7.95 14.56
C SER A 88 -2.74 -9.20 13.68
N GLY A 89 -3.65 -9.15 12.72
CA GLY A 89 -3.89 -10.29 11.82
C GLY A 89 -3.78 -9.85 10.37
N ASP A 90 -4.73 -10.32 9.56
CA ASP A 90 -4.87 -9.82 8.19
C ASP A 90 -5.74 -8.54 8.23
N LEU A 91 -5.54 -7.71 7.23
CA LEU A 91 -6.32 -6.49 7.01
C LEU A 91 -6.03 -5.98 5.58
N LYS A 92 -7.09 -5.75 4.81
CA LYS A 92 -7.03 -5.06 3.50
C LYS A 92 -8.18 -4.02 3.44
N MET A 93 -7.95 -2.91 2.71
CA MET A 93 -9.01 -1.92 2.43
C MET A 93 -9.86 -2.39 1.28
N THR A 94 -11.16 -2.54 1.50
CA THR A 94 -12.03 -3.03 0.44
C THR A 94 -12.46 -1.83 -0.38
N ASP A 95 -12.79 -0.72 0.27
CA ASP A 95 -13.06 0.54 -0.41
C ASP A 95 -13.20 1.69 0.56
N TYR A 96 -13.26 2.87 -0.04
CA TYR A 96 -13.52 4.12 0.64
C TYR A 96 -14.54 4.92 -0.18
N LYS A 97 -15.15 5.90 0.47
CA LYS A 97 -16.17 6.78 -0.14
C LYS A 97 -16.47 7.94 0.77
N ALA A 98 -16.63 9.14 0.23
CA ALA A 98 -17.27 10.25 0.96
C ALA A 98 -18.78 9.99 0.97
N LEU A 99 -19.42 9.97 2.17
CA LEU A 99 -20.80 9.46 2.40
C LEU A 99 -21.74 10.46 3.13
N ALA B 9 -4.01 1.42 -6.98
CA ALA B 9 -2.68 0.86 -6.63
C ALA B 9 -2.58 0.57 -5.12
N ILE B 10 -1.85 -0.48 -4.72
CA ILE B 10 -1.49 -0.72 -3.31
C ILE B 10 0.03 -0.54 -3.17
N LEU B 11 0.50 0.28 -2.23
CA LEU B 11 1.93 0.63 -2.13
C LEU B 11 2.51 0.14 -0.80
N TYR B 12 3.70 -0.43 -0.86
CA TYR B 12 4.42 -0.88 0.33
C TYR B 12 5.81 -0.27 0.32
N PRO B 13 6.15 0.57 1.31
CA PRO B 13 7.50 1.16 1.29
C PRO B 13 8.57 0.07 1.53
N PHE B 14 9.70 0.16 0.85
CA PHE B 14 10.86 -0.75 1.08
C PHE B 14 12.07 0.06 1.45
N THR B 15 13.09 -0.69 1.88
CA THR B 15 14.33 -0.14 2.27
C THR B 15 15.40 -1.18 1.95
N ILE B 16 16.47 -0.76 1.30
CA ILE B 16 17.55 -1.65 0.89
C ILE B 16 18.84 -0.97 1.22
N SER B 17 19.92 -1.75 1.21
CA SER B 17 21.27 -1.23 1.17
C SER B 17 21.44 -0.35 -0.05
N GLY B 18 22.09 0.76 0.17
CA GLY B 18 22.50 1.67 -0.90
C GLY B 18 23.63 1.24 -1.78
N ASN B 19 24.44 0.32 -1.31
CA ASN B 19 25.72 -0.01 -1.92
C ASN B 19 25.88 -1.45 -2.31
N ASP B 20 25.03 -2.31 -1.76
CA ASP B 20 25.16 -3.75 -2.04
C ASP B 20 24.22 -4.04 -3.18
N ARG B 21 24.77 -4.51 -4.29
CA ARG B 21 24.01 -4.75 -5.51
C ARG B 21 24.17 -6.18 -6.01
N ASN B 22 24.47 -7.11 -5.10
CA ASN B 22 24.54 -8.53 -5.47
C ASN B 22 23.14 -9.20 -5.45
N GLY B 23 22.90 -10.18 -6.33
CA GLY B 23 21.64 -10.97 -6.30
C GLY B 23 20.39 -10.23 -6.74
N ASN B 24 19.24 -10.66 -6.20
CA ASN B 24 17.94 -10.22 -6.69
C ASN B 24 17.08 -9.62 -5.62
N PHE B 25 16.52 -8.44 -5.88
CA PHE B 25 15.36 -7.96 -5.15
C PHE B 25 14.24 -9.02 -5.28
N THR B 26 13.92 -9.68 -4.17
CA THR B 26 13.04 -10.84 -4.16
C THR B 26 11.84 -10.51 -3.32
N ILE B 27 10.66 -10.61 -3.94
CA ILE B 27 9.39 -10.24 -3.33
C ILE B 27 8.44 -11.45 -3.33
N ASN B 28 7.92 -11.77 -2.14
CA ASN B 28 6.88 -12.79 -1.99
C ASN B 28 5.46 -12.18 -1.90
N PHE B 29 4.56 -12.70 -2.72
CA PHE B 29 3.17 -12.28 -2.71
C PHE B 29 2.33 -13.48 -2.36
N LYS B 30 1.22 -13.23 -1.66
CA LYS B 30 0.18 -14.26 -1.49
C LYS B 30 -1.19 -13.74 -1.94
N GLY B 31 -1.90 -14.54 -2.73
CA GLY B 31 -3.21 -14.11 -3.22
C GLY B 31 -3.99 -15.24 -3.81
N THR B 32 -4.96 -14.91 -4.67
CA THR B 32 -5.91 -15.93 -5.11
C THR B 32 -5.15 -16.92 -6.03
N PRO B 33 -5.27 -18.25 -5.77
CA PRO B 33 -4.58 -19.16 -6.69
C PRO B 33 -4.96 -18.88 -8.16
N ASN B 34 -3.96 -18.95 -9.04
CA ASN B 34 -4.11 -18.66 -10.49
C ASN B 34 -4.49 -17.22 -10.91
N SER B 35 -4.51 -16.27 -9.99
CA SER B 35 -4.76 -14.88 -10.34
C SER B 35 -3.64 -14.36 -11.27
N THR B 36 -3.96 -13.33 -12.07
CA THR B 36 -2.99 -12.56 -12.85
C THR B 36 -2.74 -11.25 -12.12
N ASN B 37 -1.47 -10.84 -12.01
CA ASN B 37 -1.08 -9.64 -11.27
C ASN B 37 0.05 -8.87 -11.95
N ASN B 38 0.07 -7.55 -11.77
CA ASN B 38 1.23 -6.72 -12.18
C ASN B 38 1.42 -5.50 -11.29
N GLY B 39 2.56 -4.88 -11.43
CA GLY B 39 2.92 -3.80 -10.56
C GLY B 39 4.26 -3.29 -10.98
N CYS B 40 4.92 -2.63 -10.04
CA CYS B 40 6.30 -2.19 -10.25
C CYS B 40 7.06 -2.17 -8.92
N ILE B 41 8.35 -1.89 -9.02
CA ILE B 41 9.18 -1.46 -7.92
C ILE B 41 9.54 -0.05 -8.37
N GLY B 42 9.35 0.95 -7.53
CA GLY B 42 9.61 2.34 -7.93
C GLY B 42 10.53 3.02 -6.94
N TYR B 43 11.36 3.96 -7.42
CA TYR B 43 12.31 4.66 -6.57
C TYR B 43 12.67 5.97 -7.27
N SER B 44 13.22 6.89 -6.50
CA SER B 44 13.62 8.21 -6.95
C SER B 44 15.13 8.21 -7.19
N TYR B 45 15.56 8.87 -8.26
CA TYR B 45 16.96 8.88 -8.65
C TYR B 45 17.20 10.13 -9.47
N ASN B 46 18.19 10.94 -9.09
CA ASN B 46 18.45 12.26 -9.72
C ASN B 46 17.19 13.09 -10.01
N GLY B 47 16.31 13.12 -9.01
CA GLY B 47 15.08 13.90 -9.05
C GLY B 47 13.88 13.26 -9.71
N ASP B 48 14.06 12.13 -10.43
CA ASP B 48 12.95 11.47 -11.16
C ASP B 48 12.57 10.11 -10.57
N TRP B 49 11.27 9.86 -10.58
CA TRP B 49 10.72 8.58 -10.17
C TRP B 49 10.91 7.60 -11.32
N GLU B 50 11.45 6.41 -11.05
CA GLU B 50 11.64 5.39 -12.07
C GLU B 50 10.87 4.16 -11.62
N LYS B 51 10.42 3.38 -12.59
CA LYS B 51 9.63 2.19 -12.34
C LYS B 51 10.28 1.00 -12.98
N ILE B 52 10.40 -0.09 -12.23
CA ILE B 52 10.76 -1.37 -12.82
C ILE B 52 9.53 -2.23 -12.71
N GLU B 53 8.94 -2.57 -13.87
CA GLU B 53 7.68 -3.33 -13.88
C GLU B 53 7.91 -4.79 -13.52
N TRP B 54 6.89 -5.39 -12.91
CA TRP B 54 6.86 -6.82 -12.68
C TRP B 54 5.45 -7.32 -12.98
N GLU B 55 5.35 -8.61 -13.25
CA GLU B 55 4.02 -9.25 -13.40
C GLU B 55 4.12 -10.74 -13.11
N GLY B 56 2.98 -11.36 -12.86
CA GLY B 56 2.96 -12.79 -12.64
C GLY B 56 1.66 -13.31 -12.09
N SER B 57 1.55 -14.63 -12.09
CA SER B 57 0.42 -15.34 -11.55
C SER B 57 0.76 -16.02 -10.24
N CYS B 58 -0.24 -16.13 -9.39
CA CYS B 58 -0.09 -16.95 -8.21
C CYS B 58 -0.23 -18.38 -8.65
N ASP B 59 0.67 -19.24 -8.19
CA ASP B 59 0.54 -20.68 -8.41
C ASP B 59 -0.73 -21.25 -7.73
N GLY B 60 -0.91 -22.57 -7.83
CA GLY B 60 -1.98 -23.31 -7.18
C GLY B 60 -2.11 -23.13 -5.68
N ASN B 61 -1.02 -22.78 -4.98
CA ASN B 61 -1.09 -22.53 -3.53
C ASN B 61 -1.25 -21.05 -3.15
N GLY B 62 -1.44 -20.19 -4.14
CA GLY B 62 -1.65 -18.79 -3.91
C GLY B 62 -0.38 -18.02 -3.68
N ASN B 63 0.77 -18.57 -4.09
CA ASN B 63 2.10 -17.91 -3.94
C ASN B 63 2.59 -17.37 -5.26
N LEU B 64 3.20 -16.20 -5.21
CA LEU B 64 3.90 -15.59 -6.36
C LEU B 64 5.19 -14.97 -5.86
N VAL B 65 6.30 -15.29 -6.50
CA VAL B 65 7.63 -14.82 -6.14
C VAL B 65 8.09 -13.96 -7.32
N VAL B 66 8.50 -12.73 -7.04
CA VAL B 66 8.98 -11.84 -8.06
C VAL B 66 10.44 -11.59 -7.74
N GLU B 67 11.26 -11.52 -8.79
CA GLU B 67 12.70 -11.47 -8.68
C GLU B 67 13.16 -10.42 -9.67
N VAL B 68 13.89 -9.43 -9.19
CA VAL B 68 14.46 -8.40 -10.06
C VAL B 68 15.92 -8.26 -9.69
N PRO B 69 16.86 -8.41 -10.67
CA PRO B 69 18.28 -8.17 -10.36
C PRO B 69 18.55 -6.89 -9.59
N MET B 70 19.26 -6.98 -8.49
CA MET B 70 19.68 -5.77 -7.75
C MET B 70 20.48 -4.82 -8.66
N SER B 71 21.23 -5.37 -9.62
CA SER B 71 21.98 -4.53 -10.59
C SER B 71 21.13 -3.54 -11.43
N LYS B 72 19.82 -3.81 -11.56
CA LYS B 72 18.88 -2.85 -12.17
C LYS B 72 18.62 -1.54 -11.39
N ILE B 73 18.91 -1.52 -10.09
CA ILE B 73 18.66 -0.39 -9.24
C ILE B 73 19.99 0.35 -9.08
N PRO B 74 20.06 1.67 -9.36
CA PRO B 74 21.35 2.35 -9.20
C PRO B 74 21.82 2.36 -7.74
N ALA B 75 23.14 2.28 -7.56
CA ALA B 75 23.77 2.56 -6.26
C ALA B 75 23.33 3.94 -5.75
N GLY B 76 23.27 4.13 -4.42
CA GLY B 76 22.82 5.41 -3.81
C GLY B 76 21.32 5.41 -3.47
N VAL B 77 20.52 4.60 -4.16
CA VAL B 77 19.12 4.38 -3.84
C VAL B 77 18.98 3.40 -2.67
N THR B 78 18.27 3.82 -1.63
CA THR B 78 18.03 3.01 -0.41
C THR B 78 16.56 2.75 -0.07
N SER B 79 15.62 3.40 -0.76
CA SER B 79 14.19 3.22 -0.46
C SER B 79 13.36 3.48 -1.69
N GLY B 80 12.09 3.16 -1.59
CA GLY B 80 11.16 3.26 -2.71
C GLY B 80 9.84 2.59 -2.36
N GLU B 81 9.07 2.16 -3.36
CA GLU B 81 7.83 1.45 -3.07
C GLU B 81 7.65 0.22 -3.94
N ILE B 82 7.13 -0.83 -3.33
CA ILE B 82 6.58 -1.97 -4.06
C ILE B 82 5.13 -1.61 -4.29
N GLN B 83 4.71 -1.53 -5.56
CA GLN B 83 3.36 -1.19 -5.91
C GLN B 83 2.67 -2.40 -6.60
N ILE B 84 1.45 -2.68 -6.16
CA ILE B 84 0.55 -3.55 -6.91
C ILE B 84 -0.35 -2.63 -7.74
N TRP B 85 -0.49 -2.95 -9.02
CA TRP B 85 -1.30 -2.18 -9.93
C TRP B 85 -2.60 -2.93 -10.22
N ALA B 86 -2.53 -4.09 -10.83
CA ALA B 86 -3.71 -4.88 -11.18
C ALA B 86 -3.59 -6.23 -10.50
N HIS B 87 -4.71 -6.74 -10.04
CA HIS B 87 -4.75 -8.04 -9.36
C HIS B 87 -6.12 -8.60 -9.58
N SER B 88 -6.21 -9.76 -10.26
CA SER B 88 -7.50 -10.31 -10.70
C SER B 88 -8.35 -10.82 -9.51
N GLY B 89 -7.71 -11.14 -8.39
CA GLY B 89 -8.39 -11.56 -7.16
C GLY B 89 -7.81 -10.81 -6.00
N ASP B 90 -7.51 -11.53 -4.93
CA ASP B 90 -6.77 -10.96 -3.82
C ASP B 90 -5.26 -11.06 -4.05
N LEU B 91 -4.53 -10.10 -3.52
CA LEU B 91 -3.07 -10.14 -3.53
C LEU B 91 -2.56 -9.23 -2.44
N LYS B 92 -1.62 -9.74 -1.64
CA LYS B 92 -0.86 -8.93 -0.66
C LYS B 92 0.63 -9.32 -0.72
N MET B 93 1.52 -8.33 -0.58
CA MET B 93 2.95 -8.60 -0.38
C MET B 93 3.25 -9.11 1.05
N THR B 94 3.84 -10.29 1.18
CA THR B 94 4.11 -10.85 2.50
C THR B 94 5.52 -10.53 3.02
N ASP B 95 6.51 -10.39 2.15
CA ASP B 95 7.82 -9.88 2.54
C ASP B 95 8.70 -9.71 1.30
N TYR B 96 9.86 -9.10 1.52
CA TYR B 96 10.79 -8.78 0.44
C TYR B 96 12.21 -8.71 1.04
N LYS B 97 13.23 -8.95 0.22
CA LYS B 97 14.64 -8.92 0.65
C LYS B 97 15.58 -9.03 -0.53
N ALA B 98 16.71 -8.33 -0.50
CA ALA B 98 17.81 -8.59 -1.45
C ALA B 98 18.51 -9.90 -1.07
N LEU B 99 18.55 -10.89 -1.98
CA LEU B 99 19.25 -12.14 -1.69
C LEU B 99 19.96 -12.72 -2.90
N GLU B 100 20.95 -13.55 -2.64
CA GLU B 100 21.98 -13.93 -3.61
C GLU B 100 21.95 -15.43 -3.96
C1 BMA C . 4.16 11.10 0.95
C2 BMA C . 3.89 9.58 0.92
C3 BMA C . 3.47 9.08 2.30
C4 BMA C . 4.40 9.61 3.42
C5 BMA C . 4.74 11.10 3.24
C6 BMA C . 5.79 11.58 4.24
O1 BMA C . 4.57 11.65 -0.30
O2 BMA C . 5.05 8.89 0.49
O3 BMA C . 3.45 7.65 2.37
O4 BMA C . 3.69 9.53 4.65
O5 BMA C . 5.18 11.35 1.90
O6 BMA C . 6.17 12.92 3.91
C1 BMA C . 4.32 8.77 5.69
C2 BMA C . 3.74 9.21 7.03
C3 BMA C . 4.36 8.40 8.17
C4 BMA C . 4.22 6.90 7.89
C5 BMA C . 4.68 6.52 6.49
C6 BMA C . 4.28 5.09 6.18
O2 BMA C . 2.31 9.04 7.03
O3 BMA C . 3.74 8.80 9.40
O4 BMA C . 5.04 6.12 8.76
O5 BMA C . 4.08 7.39 5.52
O6 BMA C . 4.98 4.63 5.02
C1 BMA C . 4.36 5.59 9.91
C2 BMA C . 5.04 4.30 10.35
C3 BMA C . 4.24 3.70 11.50
C4 BMA C . 4.28 4.67 12.67
C5 BMA C . 3.84 6.07 12.24
C6 BMA C . 4.22 7.05 13.32
O2 BMA C . 6.37 4.60 10.77
O3 BMA C . 4.76 2.44 11.92
O4 BMA C . 3.44 4.21 13.73
O5 BMA C . 4.41 6.51 10.99
O6 BMA C . 3.71 8.32 12.95
C1 BMA D . 9.82 13.56 -5.06
C2 BMA D . 8.62 13.70 -6.00
C3 BMA D . 7.43 12.83 -5.54
C4 BMA D . 7.84 11.39 -5.18
C5 BMA D . 9.08 11.42 -4.28
C6 BMA D . 9.58 10.02 -4.01
O1 BMA D . 10.96 14.27 -5.60
O2 BMA D . 9.07 13.33 -7.31
O3 BMA D . 6.44 12.81 -6.58
O4 BMA D . 6.78 10.63 -4.54
O5 BMA D . 10.13 12.17 -4.93
O6 BMA D . 10.91 10.08 -3.51
C1 BMA D . 6.39 9.45 -5.30
C2 BMA D . 5.40 8.46 -4.64
C3 BMA D . 4.96 7.33 -5.61
C4 BMA D . 4.61 7.84 -7.00
C5 BMA D . 5.71 8.79 -7.45
C6 BMA D . 5.61 9.34 -8.87
O2 BMA D . 4.24 9.16 -4.22
O3 BMA D . 3.85 6.59 -5.08
O4 BMA D . 4.60 6.74 -7.92
O5 BMA D . 5.82 9.88 -6.53
O6 BMA D . 4.49 10.20 -8.95
C1 BMA D . 3.37 6.52 -8.60
C2 BMA D . 3.68 5.74 -9.89
C3 BMA D . 2.36 5.51 -10.64
C4 BMA D . 1.32 4.90 -9.73
C5 BMA D . 1.16 5.59 -8.37
C6 BMA D . 0.29 4.72 -7.46
O2 BMA D . 4.32 4.48 -9.63
O3 BMA D . 2.58 4.68 -11.78
O4 BMA D . 0.03 5.01 -10.33
O5 BMA D . 2.42 5.84 -7.75
O6 BMA D . -0.06 5.52 -6.33
C1 BMA D . -0.54 3.78 -10.75
C2 BMA D . -2.04 3.89 -10.60
C3 BMA D . -2.75 2.68 -11.18
C4 BMA D . -2.23 2.35 -12.57
C5 BMA D . -0.70 2.28 -12.60
C6 BMA D . -0.15 2.03 -14.00
O2 BMA D . -2.49 5.09 -11.26
O3 BMA D . -4.16 2.92 -11.27
O4 BMA D . -2.81 1.12 -13.02
O5 BMA D . -0.16 3.49 -12.10
O6 BMA D . -0.35 3.18 -14.84
C1 BMA D . -3.84 1.34 -14.00
C2 BMA D . -3.95 0.14 -14.94
C3 BMA D . -5.14 0.33 -15.88
C4 BMA D . -6.42 0.62 -15.10
C5 BMA D . -6.19 1.85 -14.21
C6 BMA D . -7.39 2.17 -13.34
O2 BMA D . -4.04 -1.10 -14.20
O3 BMA D . -5.29 -0.81 -16.72
O4 BMA D . -7.55 0.90 -15.96
O5 BMA D . -5.07 1.65 -13.33
O6 BMA D . -7.71 0.97 -12.64
#